data_6JWM
#
_entry.id   6JWM
#
_cell.length_a   40.060
_cell.length_b   63.970
_cell.length_c   68.840
_cell.angle_alpha   90.00
_cell.angle_beta   90.00
_cell.angle_gamma   90.00
#
_symmetry.space_group_name_H-M   'P 21 21 21'
#
loop_
_entity.id
_entity.type
_entity.pdbx_description
1 polymer 'SPRY domain-containing SOCS box protein 2'
2 polymer 'Nitric oxide synthase, inducible'
3 water water
#
loop_
_entity_poly.entity_id
_entity_poly.type
_entity_poly.pdbx_seq_one_letter_code
_entity_poly.pdbx_strand_id
1 'polypeptide(L)'
;MGDLSCPEGLEELLSAPPPDLGAQRRHGWNPKDCSENIEVKEGGLYFERRPVAQSTDGARGKRGYSRGLHAWEISWPLEQ
RGTHAVVGVATALAPLQTDHYAALLGSNSESWGWDIGRGKLYHQSKGPGAPQYPAGTQGEQLEVPERLLVVLDMEEGTLG
YAIGGTYLGPAFRGLKGRTLYPAVSAVWGQCQVRIRYLGERGSHHHHHH
;
A
2 'polypeptide(L)' RGDINNN B
#
# COMPACT_ATOMS: atom_id res chain seq x y z
N LEU A 4 -19.12 -5.31 8.27
CA LEU A 4 -19.85 -6.49 7.70
C LEU A 4 -19.49 -6.73 6.24
N SER A 5 -18.67 -5.87 5.60
CA SER A 5 -18.19 -6.10 4.29
C SER A 5 -16.82 -6.82 4.29
N CYS A 6 -16.27 -7.15 5.44
CA CYS A 6 -14.93 -7.71 5.55
C CYS A 6 -14.80 -9.02 4.80
N PRO A 7 -13.61 -9.34 4.27
CA PRO A 7 -13.37 -10.67 3.73
C PRO A 7 -13.67 -11.73 4.79
N GLU A 8 -14.13 -12.88 4.34
CA GLU A 8 -14.26 -14.01 5.21
C GLU A 8 -12.88 -14.35 5.77
N GLY A 9 -12.80 -14.58 7.07
CA GLY A 9 -11.56 -14.92 7.70
C GLY A 9 -10.77 -13.73 8.22
N LEU A 10 -11.09 -12.49 7.87
CA LEU A 10 -10.19 -11.40 8.27
C LEU A 10 -10.15 -11.27 9.78
N GLU A 11 -11.31 -11.35 10.45
CA GLU A 11 -11.33 -11.10 11.91
C GLU A 11 -10.45 -12.11 12.60
N GLU A 12 -10.49 -13.35 12.16
CA GLU A 12 -9.70 -14.36 12.73
C GLU A 12 -8.23 -14.11 12.40
N LEU A 13 -7.91 -13.80 11.15
CA LEU A 13 -6.53 -13.53 10.76
C LEU A 13 -5.94 -12.45 11.68
N LEU A 14 -6.64 -11.36 11.90
CA LEU A 14 -6.11 -10.21 12.67
C LEU A 14 -6.01 -10.52 14.15
N SER A 15 -6.86 -11.43 14.66
CA SER A 15 -6.84 -11.80 16.08
C SER A 15 -5.71 -12.77 16.38
N ALA A 16 -5.08 -13.43 15.40
CA ALA A 16 -4.05 -14.38 15.64
C ALA A 16 -2.77 -13.68 16.08
N PRO A 17 -1.84 -14.38 16.77
CA PRO A 17 -0.55 -13.78 17.10
C PRO A 17 0.13 -13.34 15.81
N PRO A 18 0.66 -12.11 15.82
CA PRO A 18 1.25 -11.57 14.60
C PRO A 18 2.48 -12.33 14.16
N PRO A 19 2.74 -12.35 12.87
CA PRO A 19 3.98 -12.87 12.34
C PRO A 19 5.19 -12.21 13.03
N ASP A 20 6.18 -13.06 13.22
CA ASP A 20 7.40 -12.64 13.92
C ASP A 20 8.30 -11.82 12.99
N LEU A 21 9.42 -11.34 13.49
CA LEU A 21 10.28 -10.44 12.70
C LEU A 21 10.80 -11.17 11.47
N GLY A 22 11.07 -12.47 11.51
CA GLY A 22 11.54 -13.22 10.37
C GLY A 22 10.53 -13.19 9.22
N ALA A 23 9.26 -13.38 9.61
CA ALA A 23 8.15 -13.38 8.65
C ALA A 23 7.94 -11.98 8.12
N GLN A 24 8.06 -10.97 8.97
CA GLN A 24 7.96 -9.59 8.58
C GLN A 24 9.03 -9.26 7.53
N ARG A 25 10.25 -9.71 7.74
CA ARG A 25 11.33 -9.46 6.78
C ARG A 25 11.02 -10.19 5.48
N ARG A 26 10.62 -11.47 5.54
CA ARG A 26 10.37 -12.26 4.37
C ARG A 26 9.27 -11.67 3.47
N HIS A 27 8.25 -11.08 4.09
CA HIS A 27 7.14 -10.46 3.34
C HIS A 27 7.28 -8.95 3.30
N GLY A 28 8.41 -8.41 3.66
CA GLY A 28 8.59 -6.96 3.66
C GLY A 28 9.10 -6.44 2.34
N TRP A 29 9.56 -5.20 2.37
CA TRP A 29 9.97 -4.56 1.13
C TRP A 29 11.14 -5.29 0.47
N ASN A 30 11.19 -5.29 -0.84
CA ASN A 30 12.23 -6.01 -1.56
C ASN A 30 13.32 -5.04 -2.01
N PRO A 31 14.57 -5.17 -1.48
CA PRO A 31 15.68 -4.31 -1.94
C PRO A 31 15.94 -4.47 -3.43
N LYS A 32 15.54 -5.62 -4.01
CA LYS A 32 15.76 -5.89 -5.41
C LYS A 32 14.53 -5.59 -6.25
N ASP A 33 13.54 -4.88 -5.66
CA ASP A 33 12.37 -4.57 -6.42
C ASP A 33 11.76 -3.25 -5.91
N CYS A 34 12.53 -2.19 -6.06
CA CYS A 34 12.09 -0.86 -5.64
C CYS A 34 12.80 0.16 -6.53
N SER A 35 12.36 1.41 -6.43
CA SER A 35 13.02 2.51 -7.10
C SER A 35 14.51 2.51 -6.73
N GLU A 36 15.33 2.93 -7.70
CA GLU A 36 16.72 3.25 -7.42
C GLU A 36 16.85 4.29 -6.31
N ASN A 37 15.87 5.15 -6.10
CA ASN A 37 15.97 6.20 -5.12
C ASN A 37 15.47 5.77 -3.74
N ILE A 38 15.09 4.51 -3.59
CA ILE A 38 14.69 3.98 -2.32
C ILE A 38 15.74 3.01 -1.85
N GLU A 39 15.99 3.01 -0.57
CA GLU A 39 16.84 2.00 0.15
C GLU A 39 15.92 1.22 1.10
N VAL A 40 16.02 -0.10 1.02
CA VAL A 40 15.23 -0.99 1.91
C VAL A 40 16.14 -1.34 3.08
N LYS A 41 15.67 -1.11 4.29
CA LYS A 41 16.44 -1.24 5.50
C LYS A 41 15.91 -2.41 6.32
N GLU A 42 16.77 -2.90 7.24
CA GLU A 42 16.36 -3.86 8.25
C GLU A 42 15.81 -5.11 7.59
N GLY A 43 16.33 -5.46 6.43
CA GLY A 43 15.92 -6.67 5.77
C GLY A 43 14.48 -6.65 5.31
N GLY A 44 13.88 -5.47 5.14
CA GLY A 44 12.55 -5.40 4.59
C GLY A 44 11.57 -4.69 5.47
N LEU A 45 11.89 -4.45 6.74
CA LEU A 45 10.91 -3.88 7.63
C LEU A 45 10.49 -2.46 7.28
N TYR A 46 11.40 -1.69 6.67
CA TYR A 46 10.99 -0.36 6.23
C TYR A 46 11.88 0.03 5.08
N PHE A 47 11.49 1.08 4.38
CA PHE A 47 12.37 1.69 3.40
C PHE A 47 12.51 3.15 3.68
N GLU A 48 13.58 3.73 3.16
CA GLU A 48 13.74 5.20 3.18
C GLU A 48 13.90 5.71 1.75
N ARG A 49 13.14 6.73 1.40
CA ARG A 49 13.31 7.36 0.08
C ARG A 49 14.37 8.43 0.22
N ARG A 50 15.38 8.38 -0.62
CA ARG A 50 16.41 9.43 -0.61
C ARG A 50 15.84 10.73 -1.15
N PRO A 51 16.47 11.88 -0.84
CA PRO A 51 15.89 13.16 -1.20
C PRO A 51 16.21 13.64 -2.62
N VAL A 52 15.65 12.97 -3.60
CA VAL A 52 15.84 13.19 -5.04
C VAL A 52 14.71 14.06 -5.55
N ALA A 53 15.05 15.18 -6.17
CA ALA A 53 14.07 16.07 -6.65
C ALA A 53 13.32 15.57 -7.88
N GLN A 54 12.03 15.93 -7.98
CA GLN A 54 11.23 15.68 -9.18
C GLN A 54 11.21 14.17 -9.51
N SER A 55 10.84 13.35 -8.49
CA SER A 55 10.82 11.92 -8.61
C SER A 55 9.72 11.38 -7.71
N THR A 56 8.96 10.42 -8.22
CA THR A 56 8.07 9.59 -7.43
C THR A 56 8.63 8.17 -7.48
N ASP A 57 8.62 7.49 -6.32
CA ASP A 57 9.39 6.28 -6.12
C ASP A 57 8.55 5.29 -5.35
N GLY A 58 8.56 4.06 -5.88
CA GLY A 58 7.75 2.97 -5.35
C GLY A 58 8.60 1.79 -4.91
N ALA A 59 7.95 0.94 -4.14
CA ALA A 59 8.53 -0.30 -3.69
C ALA A 59 7.46 -1.36 -3.73
N ARG A 60 7.89 -2.60 -4.03
CA ARG A 60 7.04 -3.79 -3.88
C ARG A 60 7.58 -4.65 -2.72
N GLY A 61 6.65 -5.33 -2.08
CA GLY A 61 7.00 -6.39 -1.21
C GLY A 61 7.68 -7.53 -1.94
N LYS A 62 8.42 -8.33 -1.13
CA LYS A 62 9.10 -9.51 -1.71
C LYS A 62 8.16 -10.56 -2.23
N ARG A 63 6.97 -10.67 -1.66
CA ARG A 63 6.10 -11.84 -1.92
C ARG A 63 4.84 -11.43 -2.63
N GLY A 64 4.60 -12.04 -3.77
CA GLY A 64 3.40 -11.82 -4.56
C GLY A 64 2.34 -12.83 -4.17
N TYR A 65 1.10 -12.37 -4.02
CA TYR A 65 0.03 -13.19 -3.54
C TYR A 65 -0.91 -13.46 -4.72
N SER A 66 -1.14 -14.79 -4.88
CA SER A 66 -1.95 -15.30 -6.02
C SER A 66 -3.26 -15.92 -5.52
N ARG A 67 -3.41 -16.13 -4.22
CA ARG A 67 -4.61 -16.73 -3.68
C ARG A 67 -4.77 -16.32 -2.22
N GLY A 68 -5.91 -16.66 -1.67
CA GLY A 68 -6.07 -16.43 -0.20
C GLY A 68 -6.27 -14.98 0.19
N LEU A 69 -6.30 -14.81 1.51
CA LEU A 69 -6.46 -13.53 2.17
C LEU A 69 -5.11 -13.20 2.80
N HIS A 70 -4.62 -11.99 2.53
CA HIS A 70 -3.38 -11.51 3.13
C HIS A 70 -3.62 -10.12 3.69
N ALA A 71 -2.89 -9.77 4.72
CA ALA A 71 -3.03 -8.40 5.28
C ALA A 71 -1.64 -7.97 5.76
N TRP A 72 -1.47 -6.64 5.77
CA TRP A 72 -0.25 -6.05 6.29
C TRP A 72 -0.57 -4.66 6.80
N GLU A 73 0.25 -4.22 7.73
CA GLU A 73 0.13 -2.89 8.25
C GLU A 73 1.20 -1.99 7.63
N ILE A 74 0.83 -0.82 7.15
CA ILE A 74 1.77 0.20 6.69
C ILE A 74 1.83 1.27 7.75
N SER A 75 3.04 1.68 8.11
CA SER A 75 3.24 2.79 9.03
C SER A 75 3.93 3.88 8.24
N TRP A 76 3.32 5.07 8.16
CA TRP A 76 3.83 6.13 7.33
C TRP A 76 3.70 7.42 8.13
N PRO A 77 4.77 7.90 8.73
CA PRO A 77 4.66 9.07 9.61
C PRO A 77 3.88 10.21 8.96
N LEU A 78 3.08 10.88 9.82
CA LEU A 78 2.19 11.93 9.37
C LEU A 78 2.95 13.09 8.73
N GLU A 79 4.17 13.35 9.15
CA GLU A 79 4.91 14.46 8.64
C GLU A 79 5.75 14.14 7.42
N GLN A 80 5.71 12.88 6.93
CA GLN A 80 6.60 12.41 5.87
C GLN A 80 5.83 12.00 4.61
N ARG A 81 4.67 12.58 4.36
CA ARG A 81 3.87 12.17 3.23
C ARG A 81 4.03 13.04 1.98
N GLY A 82 4.37 14.32 2.14
CA GLY A 82 4.51 15.16 0.98
C GLY A 82 3.21 15.30 0.19
N THR A 83 3.34 15.54 -1.10
CA THR A 83 2.22 15.89 -1.94
C THR A 83 1.48 14.66 -2.47
N HIS A 84 2.12 13.49 -2.49
CA HIS A 84 1.51 12.27 -3.12
C HIS A 84 2.00 11.04 -2.37
N ALA A 85 1.19 10.51 -1.50
CA ALA A 85 1.51 9.32 -0.71
C ALA A 85 0.40 8.31 -0.99
N VAL A 86 0.77 7.18 -1.63
CA VAL A 86 -0.23 6.25 -2.15
C VAL A 86 0.12 4.85 -1.66
N VAL A 87 -0.91 4.13 -1.15
CA VAL A 87 -0.75 2.82 -0.57
C VAL A 87 -1.63 1.83 -1.27
N GLY A 88 -1.12 0.67 -1.65
CA GLY A 88 -1.96 -0.33 -2.33
C GLY A 88 -1.20 -1.59 -2.71
N VAL A 89 -1.39 -2.00 -3.95
CA VAL A 89 -0.76 -3.23 -4.45
C VAL A 89 -0.38 -2.99 -5.90
N ALA A 90 0.48 -3.88 -6.40
CA ALA A 90 0.91 -3.80 -7.79
C ALA A 90 1.22 -5.20 -8.30
N THR A 91 1.07 -5.37 -9.61
CA THR A 91 1.65 -6.57 -10.23
C THR A 91 3.16 -6.35 -10.29
N ALA A 92 3.87 -7.42 -10.67
CA ALA A 92 5.29 -7.34 -10.90
C ALA A 92 5.67 -6.42 -12.07
N LEU A 93 4.74 -6.04 -12.91
CA LEU A 93 5.02 -5.25 -14.08
C LEU A 93 4.86 -3.76 -13.85
N ALA A 94 4.27 -3.32 -12.75
CA ALA A 94 4.03 -1.92 -12.56
C ALA A 94 5.34 -1.15 -12.47
N PRO A 95 5.40 0.08 -13.06
CA PRO A 95 6.60 0.90 -12.91
C PRO A 95 6.72 1.44 -11.48
N LEU A 96 7.97 1.60 -11.03
CA LEU A 96 8.25 2.02 -9.66
C LEU A 96 9.02 3.33 -9.59
N GLN A 97 9.20 4.04 -10.70
CA GLN A 97 9.84 5.37 -10.61
C GLN A 97 9.35 6.21 -11.79
N THR A 98 9.14 7.49 -11.56
CA THR A 98 8.87 8.42 -12.64
C THR A 98 9.46 9.78 -12.24
N ASP A 99 9.80 10.59 -13.23
CA ASP A 99 10.59 11.87 -13.07
C ASP A 99 9.69 13.08 -12.85
N HIS A 100 8.64 12.96 -12.04
CA HIS A 100 7.79 14.05 -11.65
C HIS A 100 7.05 13.62 -10.40
N TYR A 101 6.40 14.52 -9.69
CA TYR A 101 5.64 14.14 -8.51
C TYR A 101 4.24 13.77 -8.89
N ALA A 102 3.79 12.57 -8.56
CA ALA A 102 2.51 12.10 -8.98
C ALA A 102 2.06 10.91 -8.15
N ALA A 103 0.79 10.55 -8.29
CA ALA A 103 0.25 9.29 -7.74
C ALA A 103 0.66 8.13 -8.65
N LEU A 104 1.94 7.75 -8.61
CA LEU A 104 2.47 6.73 -9.47
C LEU A 104 1.73 5.40 -9.27
N LEU A 105 1.53 4.99 -8.04
CA LEU A 105 0.80 3.76 -7.77
C LEU A 105 -0.68 3.98 -8.07
N GLY A 106 -1.19 3.26 -9.06
CA GLY A 106 -2.56 3.42 -9.53
C GLY A 106 -2.68 4.20 -10.82
N SER A 107 -1.56 4.65 -11.36
CA SER A 107 -1.58 5.45 -12.59
C SER A 107 -1.63 4.61 -13.85
N ASN A 108 -1.76 3.30 -13.74
CA ASN A 108 -1.68 2.38 -14.86
C ASN A 108 -2.54 1.17 -14.53
N SER A 109 -2.53 0.19 -15.44
CA SER A 109 -3.33 -1.01 -15.33
C SER A 109 -2.72 -2.02 -14.36
N GLU A 110 -1.50 -1.79 -13.93
CA GLU A 110 -0.75 -2.74 -13.15
C GLU A 110 -0.71 -2.41 -11.67
N SER A 111 -1.46 -1.39 -11.23
CA SER A 111 -1.34 -0.94 -9.86
C SER A 111 -2.65 -0.33 -9.39
N TRP A 112 -2.87 -0.39 -8.08
CA TRP A 112 -4.06 0.09 -7.42
C TRP A 112 -3.61 0.80 -6.18
N GLY A 113 -4.09 2.01 -5.94
CA GLY A 113 -3.65 2.78 -4.77
C GLY A 113 -4.69 3.64 -4.13
N TRP A 114 -4.56 3.85 -2.86
CA TRP A 114 -5.34 4.86 -2.12
C TRP A 114 -4.37 5.97 -1.75
N ASP A 115 -4.76 7.18 -2.12
CA ASP A 115 -4.02 8.39 -1.76
C ASP A 115 -4.36 8.71 -0.33
N ILE A 116 -3.43 8.55 0.59
CA ILE A 116 -3.72 8.69 2.01
C ILE A 116 -3.73 10.17 2.42
N GLY A 117 -3.41 11.07 1.53
CA GLY A 117 -3.59 12.54 1.75
C GLY A 117 -4.96 12.98 1.27
N ARG A 118 -5.33 12.60 0.07
CA ARG A 118 -6.50 13.11 -0.61
C ARG A 118 -7.72 12.22 -0.44
N GLY A 119 -7.54 10.97 -0.03
CA GLY A 119 -8.64 10.02 0.09
C GLY A 119 -9.14 9.43 -1.23
N LYS A 120 -8.44 9.61 -2.31
CA LYS A 120 -8.87 9.16 -3.62
C LYS A 120 -8.27 7.80 -4.00
N LEU A 121 -9.03 7.08 -4.82
CA LEU A 121 -8.57 5.78 -5.35
C LEU A 121 -8.04 5.95 -6.75
N TYR A 122 -6.91 5.32 -7.03
CA TYR A 122 -6.29 5.36 -8.35
C TYR A 122 -6.13 3.93 -8.88
N HIS A 123 -6.71 3.69 -10.06
CA HIS A 123 -6.35 2.54 -10.89
C HIS A 123 -6.55 2.97 -12.32
N GLN A 124 -5.53 2.86 -13.15
CA GLN A 124 -5.62 3.40 -14.51
C GLN A 124 -6.01 4.86 -14.46
N SER A 125 -5.52 5.64 -13.51
CA SER A 125 -5.99 7.03 -13.28
C SER A 125 -4.78 7.94 -13.22
N LYS A 126 -4.89 9.13 -13.85
CA LYS A 126 -3.83 10.19 -13.82
C LYS A 126 -4.09 11.17 -12.68
N GLY A 127 -5.17 10.95 -11.92
CA GLY A 127 -5.52 11.77 -10.76
C GLY A 127 -6.86 12.47 -10.91
N PRO A 128 -7.06 13.33 -11.95
CA PRO A 128 -8.29 14.10 -12.08
C PRO A 128 -9.48 13.13 -12.16
N GLY A 129 -10.51 13.41 -11.36
CA GLY A 129 -11.73 12.63 -11.38
C GLY A 129 -11.74 11.41 -10.47
N ALA A 130 -10.64 11.09 -9.77
CA ALA A 130 -10.60 9.86 -9.03
C ALA A 130 -11.61 9.88 -7.88
N PRO A 131 -12.28 8.75 -7.61
CA PRO A 131 -13.32 8.68 -6.60
C PRO A 131 -12.82 8.64 -5.16
N GLN A 132 -13.60 9.18 -4.24
CA GLN A 132 -13.31 9.15 -2.83
C GLN A 132 -13.48 7.73 -2.28
N TYR A 133 -12.65 7.38 -1.32
CA TYR A 133 -12.86 6.17 -0.55
C TYR A 133 -12.51 6.48 0.89
N PRO A 134 -13.25 5.95 1.90
CA PRO A 134 -14.53 5.25 1.68
C PRO A 134 -15.59 6.24 1.19
N ALA A 135 -16.57 5.77 0.42
CA ALA A 135 -17.69 6.66 0.08
C ALA A 135 -18.48 7.11 1.34
N GLY A 136 -19.08 8.30 1.30
CA GLY A 136 -20.04 8.71 2.34
C GLY A 136 -19.42 9.73 3.27
N THR A 137 -20.23 10.28 4.17
CA THR A 137 -19.85 11.44 4.96
C THR A 137 -18.83 11.05 6.04
N GLN A 138 -19.04 9.91 6.70
CA GLN A 138 -18.02 9.39 7.63
C GLN A 138 -16.69 9.22 6.88
N GLY A 139 -16.78 8.56 5.73
CA GLY A 139 -15.60 8.27 4.93
C GLY A 139 -14.90 9.56 4.50
N GLU A 140 -15.66 10.59 4.09
CA GLU A 140 -15.08 11.83 3.63
C GLU A 140 -14.17 12.47 4.68
N GLN A 141 -14.66 12.53 5.94
CA GLN A 141 -13.87 13.19 7.00
C GLN A 141 -12.75 12.30 7.55
N LEU A 142 -12.57 11.13 6.99
CA LEU A 142 -11.60 10.18 7.55
C LEU A 142 -10.18 10.67 7.31
N GLU A 143 -9.38 10.68 8.37
CA GLU A 143 -7.95 10.93 8.24
C GLU A 143 -7.27 9.56 8.37
N VAL A 144 -6.23 9.39 7.57
CA VAL A 144 -5.39 8.20 7.67
C VAL A 144 -4.32 8.49 8.69
N PRO A 145 -4.30 7.82 9.82
CA PRO A 145 -3.30 8.05 10.85
C PRO A 145 -2.00 7.36 10.43
N GLU A 146 -1.01 7.35 11.29
CA GLU A 146 0.28 6.81 10.93
C GLU A 146 0.15 5.38 10.45
N ARG A 147 -0.68 4.57 11.10
CA ARG A 147 -0.83 3.17 10.72
C ARG A 147 -2.13 2.93 9.99
N LEU A 148 -2.06 2.08 8.97
CA LEU A 148 -3.26 1.59 8.32
C LEU A 148 -3.03 0.15 7.90
N LEU A 149 -4.12 -0.59 7.83
CA LEU A 149 -4.01 -1.96 7.36
C LEU A 149 -4.46 -2.01 5.92
N VAL A 150 -3.79 -2.89 5.16
CA VAL A 150 -4.07 -3.18 3.78
C VAL A 150 -4.49 -4.64 3.71
N VAL A 151 -5.62 -4.90 3.07
CA VAL A 151 -6.23 -6.22 3.08
C VAL A 151 -6.50 -6.64 1.65
N LEU A 152 -5.87 -7.75 1.25
CA LEU A 152 -5.99 -8.27 -0.11
C LEU A 152 -6.66 -9.63 -0.07
N ASP A 153 -7.84 -9.68 -0.68
CA ASP A 153 -8.63 -10.90 -0.72
C ASP A 153 -8.59 -11.41 -2.16
N MET A 154 -7.77 -12.44 -2.41
CA MET A 154 -7.58 -12.90 -3.77
C MET A 154 -8.71 -13.86 -4.17
N GLU A 155 -9.54 -14.30 -3.25
CA GLU A 155 -10.70 -15.17 -3.59
C GLU A 155 -11.85 -14.35 -4.13
N GLU A 156 -12.15 -13.21 -3.55
CA GLU A 156 -13.10 -12.30 -4.09
C GLU A 156 -12.47 -11.34 -5.11
N GLY A 157 -11.15 -11.18 -5.05
CA GLY A 157 -10.40 -10.25 -5.87
C GLY A 157 -10.65 -8.81 -5.44
N THR A 158 -10.44 -8.55 -4.15
CA THR A 158 -10.64 -7.20 -3.65
C THR A 158 -9.40 -6.71 -2.90
N LEU A 159 -9.36 -5.38 -2.84
CA LEU A 159 -8.39 -4.69 -1.96
C LEU A 159 -9.18 -3.70 -1.13
N GLY A 160 -8.96 -3.74 0.17
CA GLY A 160 -9.57 -2.78 1.08
C GLY A 160 -8.59 -2.45 2.20
N TYR A 161 -9.05 -1.58 3.08
CA TYR A 161 -8.18 -1.00 4.10
C TYR A 161 -8.92 -0.99 5.43
N ALA A 162 -8.14 -0.94 6.51
CA ALA A 162 -8.71 -0.77 7.84
C ALA A 162 -7.90 0.29 8.58
N ILE A 163 -8.63 1.13 9.34
CA ILE A 163 -8.01 2.11 10.24
C ILE A 163 -8.70 2.01 11.61
N GLY A 164 -7.86 2.07 12.64
CA GLY A 164 -8.38 2.18 14.00
C GLY A 164 -9.24 1.01 14.39
N GLY A 165 -8.98 -0.17 13.84
CA GLY A 165 -9.74 -1.37 14.20
C GLY A 165 -10.97 -1.64 13.32
N THR A 166 -11.27 -0.77 12.36
CA THR A 166 -12.46 -0.89 11.53
C THR A 166 -12.09 -1.07 10.06
N TYR A 167 -12.62 -2.13 9.44
CA TYR A 167 -12.48 -2.33 8.01
C TYR A 167 -13.36 -1.32 7.29
N LEU A 168 -12.83 -0.65 6.27
CA LEU A 168 -13.47 0.46 5.65
C LEU A 168 -14.24 0.04 4.39
N GLY A 169 -14.19 -1.23 4.03
CA GLY A 169 -14.90 -1.79 2.92
C GLY A 169 -13.95 -2.06 1.76
N PRO A 170 -14.38 -2.85 0.77
CA PRO A 170 -13.55 -3.04 -0.43
C PRO A 170 -13.42 -1.70 -1.14
N ALA A 171 -12.20 -1.32 -1.50
CA ALA A 171 -11.87 -0.19 -2.29
C ALA A 171 -11.89 -0.53 -3.78
N PHE A 172 -11.32 -1.65 -4.14
CA PHE A 172 -11.21 -2.12 -5.50
C PHE A 172 -11.71 -3.54 -5.56
N ARG A 173 -12.40 -3.82 -6.67
CA ARG A 173 -12.63 -5.21 -7.11
C ARG A 173 -11.84 -5.45 -8.38
N GLY A 174 -11.96 -6.64 -8.98
CA GLY A 174 -11.33 -6.94 -10.21
C GLY A 174 -9.90 -7.40 -10.09
N LEU A 175 -9.53 -8.03 -8.97
CA LEU A 175 -8.15 -8.44 -8.78
C LEU A 175 -7.95 -9.93 -8.98
N LYS A 176 -8.98 -10.72 -9.23
CA LYS A 176 -8.76 -12.13 -9.37
C LYS A 176 -7.86 -12.43 -10.57
N GLY A 177 -7.15 -13.55 -10.47
CA GLY A 177 -6.36 -14.07 -11.60
C GLY A 177 -5.09 -13.25 -11.84
N ARG A 178 -4.48 -12.77 -10.72
CA ARG A 178 -3.25 -11.99 -10.74
C ARG A 178 -2.34 -12.50 -9.64
N THR A 179 -1.10 -11.99 -9.66
CA THR A 179 -0.16 -12.13 -8.56
C THR A 179 0.15 -10.71 -8.14
N LEU A 180 -0.18 -10.37 -6.90
CA LEU A 180 -0.15 -8.97 -6.46
C LEU A 180 0.75 -8.84 -5.27
N TYR A 181 1.48 -7.73 -5.25
CA TYR A 181 2.51 -7.45 -4.24
C TYR A 181 2.10 -6.21 -3.45
N PRO A 182 2.39 -6.17 -2.15
CA PRO A 182 2.25 -4.90 -1.41
C PRO A 182 3.05 -3.84 -2.16
N ALA A 183 2.54 -2.61 -2.14
CA ALA A 183 3.22 -1.54 -2.85
C ALA A 183 2.81 -0.18 -2.26
N VAL A 184 3.70 0.77 -2.44
CA VAL A 184 3.46 2.19 -2.14
C VAL A 184 4.18 3.01 -3.19
N SER A 185 3.76 4.28 -3.31
CA SER A 185 4.57 5.26 -4.04
C SER A 185 4.64 6.50 -3.18
N ALA A 186 5.84 7.12 -3.19
CA ALA A 186 6.21 8.20 -2.29
C ALA A 186 7.03 9.25 -3.03
N VAL A 187 6.93 10.49 -2.48
CA VAL A 187 7.64 11.64 -3.04
C VAL A 187 8.48 12.38 -2.02
N TRP A 188 8.38 12.06 -0.75
CA TRP A 188 8.98 12.90 0.32
C TRP A 188 10.40 12.49 0.62
N GLY A 189 11.31 13.44 0.57
CA GLY A 189 12.71 13.16 0.92
C GLY A 189 12.84 12.68 2.34
N GLN A 190 13.50 11.56 2.52
CA GLN A 190 13.76 10.95 3.81
C GLN A 190 12.53 10.31 4.45
N CYS A 191 11.45 10.08 3.73
CA CYS A 191 10.37 9.36 4.35
C CYS A 191 10.81 7.93 4.67
N GLN A 192 10.28 7.39 5.76
CA GLN A 192 10.55 6.05 6.23
C GLN A 192 9.24 5.31 6.38
N VAL A 193 8.97 4.39 5.47
CA VAL A 193 7.68 3.75 5.40
C VAL A 193 7.86 2.30 5.78
N ARG A 194 7.15 1.87 6.83
CA ARG A 194 7.27 0.54 7.36
C ARG A 194 6.17 -0.36 6.82
N ILE A 195 6.51 -1.65 6.73
CA ILE A 195 5.50 -2.69 6.40
C ILE A 195 5.62 -3.79 7.45
N ARG A 196 4.48 -4.20 8.00
CA ARG A 196 4.41 -5.28 8.98
C ARG A 196 3.38 -6.27 8.48
N TYR A 197 3.87 -7.39 7.94
CA TYR A 197 3.02 -8.47 7.48
C TYR A 197 2.20 -9.05 8.62
N LEU A 198 0.91 -9.26 8.36
CA LEU A 198 0.01 -9.76 9.40
C LEU A 198 -0.45 -11.19 9.11
N GLY A 199 -0.05 -11.81 8.02
CA GLY A 199 -0.31 -13.23 7.79
C GLY A 199 -1.32 -13.44 6.70
N GLU A 200 -1.68 -14.72 6.61
CA GLU A 200 -2.53 -15.18 5.54
C GLU A 200 -3.53 -16.21 6.04
N ARG A 201 -4.59 -16.31 5.28
CA ARG A 201 -5.49 -17.45 5.29
C ARG A 201 -5.62 -17.91 3.82
N GLY A 202 -4.99 -19.03 3.45
CA GLY A 202 -4.82 -19.44 2.05
C GLY A 202 -6.02 -20.16 1.45
N SER A 203 -6.90 -20.69 2.29
CA SER A 203 -7.98 -21.59 1.85
C SER A 203 -9.10 -20.78 1.19
N HIS A 204 -9.96 -21.43 0.40
CA HIS A 204 -10.97 -20.72 -0.40
C HIS A 204 -11.83 -19.76 0.45
N HIS A 205 -12.27 -20.18 1.64
CA HIS A 205 -13.11 -19.32 2.49
C HIS A 205 -12.32 -18.81 3.70
N HIS A 206 -10.99 -18.95 3.65
CA HIS A 206 -10.03 -18.30 4.57
C HIS A 206 -10.20 -18.88 5.98
N ARG B 1 16.16 18.35 -1.75
CA ARG B 1 17.09 19.45 -2.05
C ARG B 1 16.33 20.80 -2.01
N GLY B 2 15.51 20.97 -0.96
CA GLY B 2 14.88 22.26 -0.63
C GLY B 2 13.55 22.51 -1.30
N ASP B 3 12.96 21.53 -2.00
CA ASP B 3 11.75 21.78 -2.73
C ASP B 3 10.55 21.40 -1.88
N ILE B 4 9.39 21.43 -2.50
CA ILE B 4 8.11 21.27 -1.81
C ILE B 4 8.01 19.91 -1.08
N ASN B 5 8.72 18.92 -1.60
CA ASN B 5 8.66 17.56 -1.08
C ASN B 5 9.94 17.18 -0.36
N ASN B 6 10.68 18.16 0.23
CA ASN B 6 11.85 17.88 1.05
C ASN B 6 12.98 17.24 0.25
N ASN B 7 13.07 17.56 -1.03
CA ASN B 7 14.09 17.07 -1.88
C ASN B 7 14.96 18.23 -2.33
#